data_8JA6
#
_entry.id   8JA6
#
_cell.length_a   121.710
_cell.length_b   121.710
_cell.length_c   120.690
_cell.angle_alpha   90.000
_cell.angle_beta   90.000
_cell.angle_gamma   120.000
#
_symmetry.space_group_name_H-M   'H 3'
#
loop_
_entity.id
_entity.type
_entity.pdbx_description
1 polymer 'mannuronan 5-epimerase'
2 branched 'beta-D-mannopyranuronic acid-(1-4)-beta-D-mannopyranuronic acid-(1-4)-beta-D-mannopyranuronic acid'
3 non-polymer 'CALCIUM ION'
4 non-polymer 'ACETATE ION'
5 water water
#
_entity_poly.entity_id   1
_entity_poly.type   'polypeptide(L)'
_entity_poly.pdbx_seq_one_letter_code
;MDFDVKDFGAKGDGKSDDTEAIQAAIDAAYEAGGGTVRLSAGEYRVSGGDEASDGALMI(MLY)SNVYMDGAGMGETVI
(MLY)LVDGWDQKLTGIIRSKNGE(MLY)THDYGIRDLTLDGNQDNTEGEVDGFYTGYIPREDGADYNVTAERVEIREVS
RYGFDPHEQTINLTIRDSVAHNNG(MLY)DGFVGDFQIDSTFENNVSHDNGRHGFNIVTSSHDILLRDNVAYGNGANGLV
VQRGSEDIAHPYNIQIEGGAYHDNGAEGVLI(MLY)MTSNASLQGAEIYGNDAAGVRVRGVDGMQLLDNDIHDNAQGGGK
AEIVLEDYDDRDGVSGNYYETLNATVQGNRVAGAAQLLSSEGRDLLDGAAGNDLLDGGAGRDTLSGGGGADTFRFADRQD
SFRNYEGDTSRVDDIVDFTPGADLIDLSGLGYSGLGDGYNGTLALLLNEDGTKTYL(MLY)DRQADAQGNHFEIALDGNL
VDSLSATDIAFDATQLELLGTTDLQTDQVALEHHHHHH
;
_entity_poly.pdbx_strand_id   A
#
loop_
_chem_comp.id
_chem_comp.type
_chem_comp.name
_chem_comp.formula
ACT non-polymer 'ACETATE ION' 'C2 H3 O2 -1'
BEM D-saccharide, beta linking 'beta-D-mannopyranuronic acid' 'C6 H10 O7'
CA non-polymer 'CALCIUM ION' 'Ca 2'
#
# COMPACT_ATOMS: atom_id res chain seq x y z
N MET A 1 -12.45 -37.61 -1.30
CA MET A 1 -11.97 -38.66 -0.43
C MET A 1 -11.54 -38.09 0.92
N ASP A 2 -12.36 -38.28 1.95
CA ASP A 2 -12.09 -37.70 3.26
C ASP A 2 -11.24 -38.63 4.11
N PHE A 3 -10.29 -38.03 4.83
CA PHE A 3 -9.45 -38.73 5.78
C PHE A 3 -9.54 -38.00 7.11
N ASP A 4 -9.76 -38.73 8.19
CA ASP A 4 -9.82 -38.15 9.52
C ASP A 4 -8.50 -38.39 10.23
N VAL A 5 -7.93 -37.31 10.79
CA VAL A 5 -6.66 -37.42 11.50
C VAL A 5 -6.80 -38.39 12.67
N LYS A 6 -7.97 -38.45 13.29
CA LYS A 6 -8.20 -39.38 14.40
C LYS A 6 -7.89 -40.81 13.98
N ASP A 7 -8.30 -41.19 12.77
CA ASP A 7 -8.07 -42.54 12.27
C ASP A 7 -6.60 -42.84 12.02
N PHE A 8 -5.74 -41.82 12.05
CA PHE A 8 -4.30 -42.01 11.92
C PHE A 8 -3.56 -41.89 13.24
N GLY A 9 -4.28 -41.79 14.34
CA GLY A 9 -3.68 -41.76 15.66
C GLY A 9 -3.49 -40.39 16.26
N ALA A 10 -4.00 -39.34 15.63
CA ALA A 10 -3.89 -38.01 16.22
C ALA A 10 -4.76 -37.92 17.45
N LYS A 11 -4.20 -37.38 18.53
CA LYS A 11 -4.90 -37.29 19.80
C LYS A 11 -5.70 -36.00 19.95
N GLY A 12 -5.12 -34.87 19.56
CA GLY A 12 -5.78 -33.59 19.75
C GLY A 12 -6.02 -33.25 21.20
N ASP A 13 -5.09 -33.64 22.09
CA ASP A 13 -5.27 -33.50 23.52
C ASP A 13 -4.49 -32.35 24.14
N GLY A 14 -3.78 -31.56 23.33
CA GLY A 14 -2.96 -30.48 23.85
C GLY A 14 -1.63 -30.90 24.43
N LYS A 15 -1.34 -32.20 24.48
CA LYS A 15 -0.10 -32.72 25.05
C LYS A 15 0.65 -33.64 24.10
N SER A 16 -0.06 -34.50 23.38
CA SER A 16 0.57 -35.45 22.47
C SER A 16 1.07 -34.75 21.21
N ASP A 17 2.18 -35.25 20.68
CA ASP A 17 2.78 -34.71 19.45
C ASP A 17 2.10 -35.41 18.28
N ASP A 18 1.18 -34.71 17.63
CA ASP A 18 0.33 -35.28 16.59
C ASP A 18 0.91 -35.05 15.19
N THR A 19 2.18 -34.63 15.09
CA THR A 19 2.76 -34.27 13.80
C THR A 19 2.72 -35.43 12.83
N GLU A 20 3.18 -36.60 13.29
CA GLU A 20 3.29 -37.76 12.43
C GLU A 20 1.92 -38.26 11.98
N ALA A 21 0.92 -38.19 12.87
CA ALA A 21 -0.42 -38.64 12.52
C ALA A 21 -1.06 -37.74 11.45
N ILE A 22 -0.97 -36.42 11.65
CA ILE A 22 -1.55 -35.49 10.68
C ILE A 22 -0.81 -35.60 9.34
N GLN A 23 0.51 -35.75 9.38
CA GLN A 23 1.26 -35.96 8.16
C GLN A 23 0.86 -37.26 7.47
N ALA A 24 0.60 -38.31 8.24
CA ALA A 24 0.14 -39.56 7.63
C ALA A 24 -1.19 -39.34 6.92
N ALA A 25 -2.11 -38.61 7.55
CA ALA A 25 -3.39 -38.34 6.89
C ALA A 25 -3.18 -37.54 5.60
N ILE A 26 -2.30 -36.54 5.64
CA ILE A 26 -2.00 -35.74 4.46
C ILE A 26 -1.44 -36.62 3.34
N ASP A 27 -0.49 -37.51 3.69
CA ASP A 27 0.14 -38.39 2.71
C ASP A 27 -0.85 -39.37 2.11
N ALA A 28 -1.75 -39.92 2.94
CA ALA A 28 -2.78 -40.80 2.43
C ALA A 28 -3.70 -40.07 1.46
N ALA A 29 -4.08 -38.83 1.80
CA ALA A 29 -4.92 -38.04 0.89
C ALA A 29 -4.19 -37.76 -0.42
N TYR A 30 -2.90 -37.46 -0.35
CA TYR A 30 -2.13 -37.19 -1.55
C TYR A 30 -1.98 -38.44 -2.41
N GLU A 31 -1.79 -39.60 -1.78
CA GLU A 31 -1.58 -40.82 -2.53
C GLU A 31 -2.86 -41.30 -3.21
N ALA A 32 -4.03 -40.97 -2.65
CA ALA A 32 -5.29 -41.27 -3.28
C ALA A 32 -5.60 -40.35 -4.45
N GLY A 33 -4.69 -39.45 -4.79
CA GLY A 33 -4.94 -38.46 -5.82
C GLY A 33 -5.57 -37.17 -5.32
N GLY A 34 -5.74 -37.01 -4.01
CA GLY A 34 -6.35 -35.81 -3.47
C GLY A 34 -7.46 -36.12 -2.49
N GLY A 35 -7.71 -35.21 -1.56
CA GLY A 35 -8.76 -35.39 -0.59
C GLY A 35 -8.71 -34.35 0.50
N THR A 36 -9.70 -34.45 1.38
CA THR A 36 -9.83 -33.55 2.52
C THR A 36 -9.41 -34.26 3.79
N VAL A 37 -8.39 -33.71 4.45
CA VAL A 37 -7.98 -34.13 5.78
C VAL A 37 -8.83 -33.35 6.77
N ARG A 38 -9.72 -34.06 7.46
CA ARG A 38 -10.61 -33.45 8.44
C ARG A 38 -10.01 -33.50 9.83
N LEU A 39 -10.25 -32.45 10.61
CA LEU A 39 -9.80 -32.40 11.99
C LEU A 39 -10.96 -31.92 12.85
N SER A 40 -11.34 -32.73 13.83
CA SER A 40 -12.39 -32.32 14.75
C SER A 40 -11.83 -31.34 15.77
N ALA A 41 -12.74 -30.71 16.52
CA ALA A 41 -12.34 -29.73 17.53
C ALA A 41 -11.35 -30.36 18.51
N GLY A 42 -10.32 -29.61 18.87
CA GLY A 42 -9.25 -30.09 19.72
C GLY A 42 -7.97 -29.34 19.43
N GLU A 43 -7.03 -29.42 20.37
CA GLU A 43 -5.74 -28.76 20.24
C GLU A 43 -4.68 -29.80 19.90
N TYR A 44 -4.15 -29.72 18.68
CA TYR A 44 -3.15 -30.67 18.19
C TYR A 44 -1.76 -30.05 18.29
N ARG A 45 -0.85 -30.73 18.98
CA ARG A 45 0.50 -30.23 19.15
C ARG A 45 1.40 -30.79 18.06
N VAL A 46 2.21 -29.91 17.45
CA VAL A 46 3.11 -30.31 16.37
C VAL A 46 4.51 -29.79 16.62
N SER A 47 5.48 -30.45 15.99
CA SER A 47 6.89 -30.13 16.12
C SER A 47 7.53 -30.03 14.74
N GLY A 48 8.66 -29.35 14.69
CA GLY A 48 9.38 -29.16 13.45
C GLY A 48 10.20 -30.39 13.10
N GLY A 49 10.99 -30.24 12.04
CA GLY A 49 11.88 -31.29 11.60
C GLY A 49 13.34 -30.91 11.77
N ASP A 50 14.21 -31.51 10.95
CA ASP A 50 15.64 -31.28 11.09
C ASP A 50 16.05 -29.87 10.67
N GLU A 51 15.35 -29.30 9.70
CA GLU A 51 15.71 -28.00 9.16
C GLU A 51 14.49 -27.09 9.12
N ALA A 52 14.77 -25.79 9.08
CA ALA A 52 13.71 -24.79 9.03
C ALA A 52 12.79 -25.01 7.85
N SER A 53 13.34 -25.41 6.70
CA SER A 53 12.53 -25.58 5.48
C SER A 53 11.64 -26.80 5.55
N ASP A 54 11.77 -27.63 6.60
CA ASP A 54 10.83 -28.72 6.79
C ASP A 54 9.52 -28.24 7.39
N GLY A 55 9.48 -27.03 7.94
CA GLY A 55 8.25 -26.57 8.57
C GLY A 55 7.84 -27.48 9.72
N ALA A 56 6.53 -27.64 9.89
CA ALA A 56 6.00 -28.69 10.77
C ALA A 56 5.17 -29.71 9.99
N LEU A 57 4.10 -29.28 9.32
CA LEU A 57 3.28 -30.13 8.47
C LEU A 57 3.54 -29.77 7.01
N MET A 58 3.66 -30.78 6.16
CA MET A 58 3.96 -30.61 4.74
C MET A 58 2.66 -30.88 3.97
N ILE A 59 2.00 -29.82 3.51
CA ILE A 59 0.81 -30.01 2.69
C ILE A 59 1.24 -30.27 1.26
N MLY A 60 0.38 -30.96 0.53
CA MLY A 60 0.75 -31.48 -0.78
CB MLY A 60 1.07 -32.98 -0.67
CG MLY A 60 2.35 -33.25 0.10
CD MLY A 60 2.67 -34.73 0.22
CE MLY A 60 4.05 -34.93 0.88
NZ MLY A 60 4.29 -36.30 1.41
CH1 MLY A 60 3.96 -37.28 0.37
CH2 MLY A 60 5.73 -36.41 1.68
C MLY A 60 -0.36 -31.23 -1.79
O MLY A 60 -1.47 -30.84 -1.43
N SER A 61 -0.09 -31.52 -3.06
CA SER A 61 -1.01 -31.17 -4.12
C SER A 61 -2.33 -31.94 -4.01
N ASN A 62 -3.44 -31.20 -4.14
CA ASN A 62 -4.80 -31.71 -4.14
C ASN A 62 -5.29 -32.12 -2.76
N VAL A 63 -4.61 -31.66 -1.71
CA VAL A 63 -4.96 -31.97 -0.33
C VAL A 63 -5.47 -30.70 0.33
N TYR A 64 -6.64 -30.79 0.96
CA TYR A 64 -7.22 -29.67 1.68
C TYR A 64 -7.43 -30.07 3.14
N MET A 65 -7.00 -29.22 4.07
CA MET A 65 -7.19 -29.50 5.49
C MET A 65 -8.37 -28.67 6.00
N ASP A 66 -9.39 -29.35 6.50
CA ASP A 66 -10.62 -28.73 6.98
C ASP A 66 -10.73 -28.98 8.47
N GLY A 67 -10.75 -27.92 9.26
CA GLY A 67 -10.94 -28.03 10.69
C GLY A 67 -12.41 -27.91 11.08
N ALA A 68 -12.64 -27.88 12.39
CA ALA A 68 -13.97 -27.70 12.94
C ALA A 68 -14.33 -26.22 13.15
N GLY A 69 -13.42 -25.31 12.83
CA GLY A 69 -13.66 -23.88 12.98
C GLY A 69 -12.49 -23.21 13.70
N MET A 70 -12.29 -21.92 13.41
CA MET A 70 -11.30 -21.13 14.12
C MET A 70 -11.55 -21.19 15.62
N GLY A 71 -10.50 -21.47 16.39
CA GLY A 71 -10.65 -21.60 17.82
C GLY A 71 -11.09 -23.00 18.24
N GLU A 72 -11.80 -23.70 17.36
CA GLU A 72 -12.21 -25.07 17.67
C GLU A 72 -11.09 -26.06 17.38
N THR A 73 -10.63 -26.11 16.12
CA THR A 73 -9.44 -26.86 15.76
C THR A 73 -8.23 -25.93 15.84
N VAL A 74 -7.30 -26.24 16.75
CA VAL A 74 -6.11 -25.44 16.97
C VAL A 74 -4.89 -26.33 16.76
N ILE A 75 -4.02 -25.93 15.84
CA ILE A 75 -2.73 -26.60 15.66
C ILE A 75 -1.67 -25.72 16.29
N MLY A 76 -1.04 -26.24 17.34
CA MLY A 76 -0.12 -25.46 18.16
CB MLY A 76 -0.70 -25.32 19.58
CG MLY A 76 0.09 -24.41 20.50
CD MLY A 76 -0.75 -23.99 21.70
CE MLY A 76 0.08 -23.16 22.67
NZ MLY A 76 -0.73 -22.70 23.83
CH1 MLY A 76 -1.16 -23.89 24.58
CH2 MLY A 76 0.18 -21.94 24.70
C MLY A 76 1.25 -26.11 18.21
O MLY A 76 1.39 -27.33 18.33
N LEU A 77 2.29 -25.31 18.10
CA LEU A 77 3.65 -25.81 18.20
C LEU A 77 3.96 -26.25 19.63
N VAL A 78 4.72 -27.35 19.78
CA VAL A 78 5.00 -27.91 21.09
C VAL A 78 5.79 -26.91 21.93
N ASP A 79 5.58 -26.97 23.24
CA ASP A 79 6.44 -26.26 24.18
C ASP A 79 7.89 -26.66 23.98
N GLY A 80 8.78 -25.69 24.06
CA GLY A 80 10.20 -25.96 24.08
C GLY A 80 10.89 -26.06 22.74
N TRP A 81 10.16 -25.94 21.64
CA TRP A 81 10.82 -25.91 20.34
C TRP A 81 11.76 -24.70 20.27
N ASP A 82 12.99 -24.93 19.80
CA ASP A 82 14.04 -23.92 19.87
C ASP A 82 14.74 -23.74 18.52
N GLN A 83 14.05 -24.06 17.43
CA GLN A 83 14.65 -24.02 16.11
C GLN A 83 13.81 -23.14 15.20
N LYS A 84 14.46 -22.46 14.26
CA LYS A 84 13.72 -21.73 13.24
C LYS A 84 12.82 -22.68 12.47
N LEU A 85 11.55 -22.32 12.34
CA LEU A 85 10.55 -23.18 11.71
C LEU A 85 9.75 -22.36 10.70
N THR A 86 10.04 -22.58 9.41
CA THR A 86 9.50 -21.77 8.32
C THR A 86 8.21 -22.42 7.79
N GLY A 87 7.12 -22.21 8.52
CA GLY A 87 5.81 -22.69 8.11
C GLY A 87 5.26 -23.85 8.93
N ILE A 88 4.39 -23.55 9.90
CA ILE A 88 3.73 -24.61 10.66
C ILE A 88 2.97 -25.54 9.71
N ILE A 89 2.29 -24.97 8.72
CA ILE A 89 1.84 -25.68 7.53
C ILE A 89 2.51 -25.03 6.33
N ARG A 90 3.13 -25.85 5.47
CA ARG A 90 3.86 -25.33 4.34
C ARG A 90 3.85 -26.34 3.19
N SER A 91 4.15 -25.85 1.99
CA SER A 91 4.41 -26.73 0.87
C SER A 91 5.92 -26.89 0.70
N LYS A 92 6.31 -27.88 -0.09
CA LYS A 92 7.71 -28.26 -0.18
C LYS A 92 8.48 -27.27 -1.06
N ASN A 93 9.64 -26.84 -0.57
CA ASN A 93 10.60 -26.14 -1.39
C ASN A 93 11.00 -26.98 -2.59
N GLY A 94 11.08 -26.35 -3.76
CA GLY A 94 11.50 -27.07 -4.94
C GLY A 94 10.43 -27.90 -5.60
N GLU A 95 9.19 -27.78 -5.13
CA GLU A 95 8.07 -28.45 -5.77
C GLU A 95 7.00 -27.41 -6.07
N MLY A 96 6.44 -27.50 -7.27
CA MLY A 96 5.33 -26.65 -7.68
CB MLY A 96 5.32 -26.51 -9.20
CG MLY A 96 6.63 -25.96 -9.75
CD MLY A 96 6.68 -25.94 -11.27
CE MLY A 96 8.08 -25.53 -11.73
NZ MLY A 96 8.26 -25.47 -13.21
CH1 MLY A 96 7.37 -24.40 -13.70
CH2 MLY A 96 9.63 -24.99 -13.45
C MLY A 96 4.01 -27.22 -7.18
O MLY A 96 3.43 -28.09 -7.84
N THR A 97 3.72 -26.98 -5.91
CA THR A 97 2.56 -27.56 -5.23
C THR A 97 1.29 -26.81 -5.60
N HIS A 98 0.18 -27.53 -5.80
CA HIS A 98 -0.98 -26.89 -6.41
C HIS A 98 -2.28 -27.50 -5.91
N ASP A 99 -3.34 -26.68 -6.00
CA ASP A 99 -4.70 -27.05 -5.66
C ASP A 99 -4.76 -27.63 -4.24
N TYR A 100 -4.31 -26.82 -3.29
CA TYR A 100 -4.33 -27.20 -1.89
C TYR A 100 -4.82 -26.03 -1.06
N GLY A 101 -5.08 -26.28 0.22
CA GLY A 101 -5.57 -25.21 1.07
C GLY A 101 -5.89 -25.67 2.46
N ILE A 102 -6.26 -24.69 3.28
CA ILE A 102 -6.59 -24.88 4.68
C ILE A 102 -7.85 -24.06 4.97
N ARG A 103 -8.78 -24.64 5.75
CA ARG A 103 -10.01 -23.97 6.13
C ARG A 103 -10.31 -24.24 7.61
N ASP A 104 -10.95 -23.25 8.25
CA ASP A 104 -11.63 -23.42 9.54
C ASP A 104 -10.73 -24.02 10.61
N LEU A 105 -9.57 -23.40 10.81
CA LEU A 105 -8.65 -23.88 11.83
C LEU A 105 -7.74 -22.73 12.26
N THR A 106 -7.03 -22.97 13.37
CA THR A 106 -6.12 -22.01 13.97
C THR A 106 -4.73 -22.61 14.00
N LEU A 107 -3.74 -21.81 13.60
CA LEU A 107 -2.33 -22.09 13.86
C LEU A 107 -1.85 -21.18 14.98
N ASP A 108 -1.23 -21.78 15.99
CA ASP A 108 -0.73 -21.08 17.17
C ASP A 108 0.77 -21.29 17.25
N GLY A 109 1.54 -20.21 17.08
CA GLY A 109 2.98 -20.32 17.07
C GLY A 109 3.63 -20.53 18.43
N ASN A 110 2.88 -20.34 19.52
CA ASN A 110 3.38 -20.64 20.87
C ASN A 110 4.70 -19.92 21.15
N GLN A 111 4.80 -18.66 20.70
CA GLN A 111 6.05 -17.92 20.85
C GLN A 111 6.43 -17.74 22.32
N ASP A 112 5.44 -17.73 23.22
CA ASP A 112 5.76 -17.56 24.64
C ASP A 112 6.66 -18.69 25.14
N ASN A 113 6.36 -19.92 24.74
CA ASN A 113 7.05 -21.10 25.25
C ASN A 113 8.00 -21.72 24.23
N THR A 114 8.42 -20.95 23.23
CA THR A 114 9.35 -21.42 22.21
C THR A 114 10.34 -20.30 21.90
N GLU A 115 11.43 -20.64 21.24
CA GLU A 115 12.32 -19.61 20.72
C GLU A 115 12.75 -19.94 19.30
N GLY A 116 12.96 -18.90 18.50
CA GLY A 116 13.31 -19.05 17.11
C GLY A 116 12.23 -18.46 16.21
N GLU A 117 12.58 -18.12 14.97
CA GLU A 117 11.64 -17.49 14.06
C GLU A 117 10.67 -18.53 13.50
N VAL A 118 9.38 -18.31 13.72
CA VAL A 118 8.35 -19.25 13.30
C VAL A 118 7.36 -18.51 12.41
N ASP A 119 7.02 -19.13 11.28
CA ASP A 119 6.01 -18.61 10.37
C ASP A 119 4.84 -19.58 10.33
N GLY A 120 3.63 -19.04 10.18
CA GLY A 120 2.44 -19.87 10.24
C GLY A 120 2.16 -20.69 8.99
N PHE A 121 1.97 -20.00 7.87
CA PHE A 121 1.60 -20.62 6.61
C PHE A 121 2.59 -20.15 5.55
N TYR A 122 3.31 -21.10 4.95
CA TYR A 122 4.37 -20.77 3.98
C TYR A 122 4.11 -21.53 2.68
N THR A 123 4.22 -20.83 1.55
CA THR A 123 3.98 -21.39 0.21
C THR A 123 5.10 -20.97 -0.73
N GLY A 124 5.14 -21.57 -1.91
CA GLY A 124 6.05 -21.15 -2.96
C GLY A 124 6.98 -22.27 -3.40
N TYR A 125 7.86 -21.93 -4.34
CA TYR A 125 8.65 -22.95 -5.02
C TYR A 125 10.13 -22.83 -4.67
N ILE A 126 10.84 -21.81 -5.19
CA ILE A 126 12.26 -21.64 -4.88
C ILE A 126 12.57 -20.16 -5.01
N PRO A 127 13.06 -19.49 -3.96
CA PRO A 127 13.43 -18.08 -4.11
C PRO A 127 14.40 -17.89 -5.26
N ARG A 128 14.09 -16.91 -6.13
CA ARG A 128 14.92 -16.44 -7.25
C ARG A 128 14.96 -17.36 -8.45
N GLU A 129 14.08 -18.35 -8.54
CA GLU A 129 13.94 -19.15 -9.74
C GLU A 129 12.52 -19.07 -10.26
N ASP A 130 12.36 -19.35 -11.55
CA ASP A 130 11.03 -19.41 -12.14
CA ASP A 130 11.03 -19.40 -12.14
C ASP A 130 10.31 -20.67 -11.69
N GLY A 131 9.00 -20.56 -11.51
CA GLY A 131 8.20 -21.65 -10.99
C GLY A 131 7.36 -21.19 -9.82
N ALA A 132 6.25 -21.88 -9.56
CA ALA A 132 5.29 -21.35 -8.61
C ALA A 132 4.41 -22.48 -8.07
N ASP A 133 4.06 -22.38 -6.78
CA ASP A 133 2.83 -22.99 -6.32
C ASP A 133 1.66 -22.31 -7.03
N TYR A 134 0.52 -23.00 -7.12
CA TYR A 134 -0.64 -22.33 -7.69
C TYR A 134 -1.94 -22.93 -7.16
N ASN A 135 -3.00 -22.12 -7.22
CA ASN A 135 -4.33 -22.51 -6.76
C ASN A 135 -4.30 -22.93 -5.29
N VAL A 136 -4.03 -21.94 -4.44
CA VAL A 136 -3.83 -22.11 -3.02
C VAL A 136 -4.93 -21.36 -2.30
N THR A 137 -5.56 -21.98 -1.31
CA THR A 137 -6.69 -21.36 -0.65
C THR A 137 -6.53 -21.44 0.88
N ALA A 138 -6.78 -20.32 1.55
CA ALA A 138 -6.94 -20.30 3.01
C ALA A 138 -8.26 -19.58 3.31
N GLU A 139 -9.17 -20.31 3.94
CA GLU A 139 -10.51 -19.82 4.24
C GLU A 139 -10.76 -19.91 5.72
N ARG A 140 -11.16 -18.80 6.34
CA ARG A 140 -11.47 -18.76 7.76
C ARG A 140 -10.37 -19.46 8.56
N VAL A 141 -9.13 -19.03 8.33
CA VAL A 141 -7.98 -19.51 9.09
C VAL A 141 -7.53 -18.41 10.04
N GLU A 142 -7.24 -18.78 11.28
CA GLU A 142 -6.69 -17.86 12.26
C GLU A 142 -5.24 -18.26 12.49
N ILE A 143 -4.33 -17.28 12.47
CA ILE A 143 -2.93 -17.54 12.74
C ILE A 143 -2.47 -16.57 13.82
N ARG A 144 -1.98 -17.09 14.94
CA ARG A 144 -1.68 -16.26 16.09
C ARG A 144 -0.42 -16.75 16.78
N GLU A 145 0.28 -15.82 17.41
CA GLU A 145 1.37 -16.10 18.34
C GLU A 145 2.56 -16.78 17.69
N VAL A 146 2.74 -16.66 16.37
CA VAL A 146 4.01 -17.04 15.78
C VAL A 146 4.99 -15.91 16.01
N SER A 147 6.27 -16.25 16.12
CA SER A 147 7.27 -15.24 16.41
C SER A 147 7.62 -14.37 15.20
N ARG A 148 7.38 -14.83 13.97
CA ARG A 148 7.62 -13.89 12.88
C ARG A 148 6.39 -13.58 12.02
N TYR A 149 6.06 -14.43 11.05
CA TYR A 149 5.10 -14.07 10.00
C TYR A 149 3.91 -15.01 10.10
N GLY A 150 2.71 -14.46 10.26
CA GLY A 150 1.58 -15.36 10.34
C GLY A 150 1.22 -16.03 9.01
N PHE A 151 0.63 -15.29 8.09
CA PHE A 151 0.43 -15.79 6.73
C PHE A 151 1.64 -15.34 5.93
N ASP A 152 2.44 -16.30 5.44
CA ASP A 152 3.68 -15.98 4.73
C ASP A 152 3.75 -16.68 3.38
N PRO A 153 2.73 -16.52 2.52
CA PRO A 153 2.85 -17.12 1.18
C PRO A 153 4.01 -16.49 0.45
N HIS A 154 4.75 -17.29 -0.30
CA HIS A 154 6.09 -16.89 -0.67
C HIS A 154 6.36 -17.20 -2.14
N GLU A 155 7.59 -16.93 -2.56
CA GLU A 155 7.95 -16.83 -3.96
C GLU A 155 8.04 -18.20 -4.63
N GLN A 156 7.37 -18.38 -5.77
CA GLN A 156 6.23 -17.60 -6.29
C GLN A 156 4.96 -18.41 -6.01
N THR A 157 3.83 -17.73 -5.86
CA THR A 157 2.54 -18.40 -5.74
C THR A 157 1.54 -17.68 -6.64
N ILE A 158 0.85 -18.44 -7.48
CA ILE A 158 -0.12 -17.91 -8.44
C ILE A 158 -1.51 -18.30 -7.95
N ASN A 159 -2.43 -17.34 -7.97
CA ASN A 159 -3.81 -17.60 -7.54
C ASN A 159 -3.84 -18.14 -6.11
N LEU A 160 -3.12 -17.46 -5.22
CA LEU A 160 -3.40 -17.58 -3.80
C LEU A 160 -4.67 -16.80 -3.48
N THR A 161 -5.55 -17.39 -2.67
CA THR A 161 -6.69 -16.70 -2.10
C THR A 161 -6.63 -16.89 -0.60
N ILE A 162 -6.63 -15.80 0.15
CA ILE A 162 -6.85 -15.85 1.59
C ILE A 162 -8.08 -15.00 1.86
N ARG A 163 -9.14 -15.63 2.37
CA ARG A 163 -10.36 -14.90 2.65
C ARG A 163 -10.90 -15.23 4.04
N ASP A 164 -11.57 -14.24 4.63
CA ASP A 164 -12.30 -14.39 5.88
C ASP A 164 -11.39 -14.93 6.98
N SER A 165 -10.14 -14.50 6.98
CA SER A 165 -9.11 -15.02 7.88
C SER A 165 -8.63 -13.92 8.83
N VAL A 166 -7.88 -14.31 9.85
CA VAL A 166 -7.39 -13.39 10.88
C VAL A 166 -5.94 -13.73 11.23
N ALA A 167 -5.09 -12.72 11.30
CA ALA A 167 -3.74 -12.86 11.84
C ALA A 167 -3.58 -11.88 12.99
N HIS A 168 -3.21 -12.37 14.17
CA HIS A 168 -3.09 -11.46 15.29
C HIS A 168 -2.01 -11.93 16.26
N ASN A 169 -1.38 -10.95 16.92
CA ASN A 169 -0.41 -11.19 17.97
C ASN A 169 0.76 -12.02 17.48
N ASN A 170 1.14 -11.82 16.23
CA ASN A 170 2.34 -12.42 15.71
C ASN A 170 3.49 -11.43 15.87
N GLY A 171 4.70 -11.95 15.91
CA GLY A 171 5.88 -11.15 16.24
C GLY A 171 6.22 -10.06 15.23
N MLY A 172 6.02 -10.34 13.94
CA MLY A 172 6.42 -9.36 12.92
CB MLY A 172 7.57 -9.91 12.08
CG MLY A 172 8.44 -8.85 11.34
CD MLY A 172 9.80 -9.44 10.88
CE MLY A 172 10.58 -8.52 9.95
NZ MLY A 172 12.08 -8.72 10.07
CH1 MLY A 172 12.78 -7.80 9.13
CH2 MLY A 172 12.35 -10.11 9.67
C MLY A 172 5.22 -8.93 12.06
O MLY A 172 4.20 -8.47 12.58
N ASP A 173 4.92 -9.60 10.95
CA ASP A 173 3.80 -9.19 10.06
C ASP A 173 2.68 -10.21 10.09
N GLY A 174 1.42 -9.74 10.20
CA GLY A 174 0.30 -10.67 10.16
C GLY A 174 0.19 -11.41 8.84
N PHE A 175 0.26 -10.67 7.73
CA PHE A 175 0.21 -11.19 6.37
C PHE A 175 1.40 -10.64 5.60
N VAL A 176 2.16 -11.52 4.95
CA VAL A 176 3.21 -11.11 4.02
C VAL A 176 3.00 -11.86 2.72
N GLY A 177 2.81 -11.13 1.63
CA GLY A 177 2.76 -11.73 0.33
C GLY A 177 4.05 -11.47 -0.43
N ASP A 178 4.90 -12.49 -0.52
CA ASP A 178 6.17 -12.43 -1.22
CA ASP A 178 6.17 -12.41 -1.24
C ASP A 178 6.03 -13.04 -2.61
N PHE A 179 6.22 -12.24 -3.66
CA PHE A 179 6.06 -12.65 -5.06
C PHE A 179 4.80 -13.50 -5.27
N GLN A 180 3.69 -12.96 -4.78
CA GLN A 180 2.36 -13.46 -5.11
C GLN A 180 1.92 -12.88 -6.45
N ILE A 181 1.23 -13.69 -7.25
CA ILE A 181 0.81 -13.33 -8.60
C ILE A 181 -0.67 -13.66 -8.75
N ASP A 182 -1.45 -12.71 -9.26
CA ASP A 182 -2.84 -13.00 -9.65
C ASP A 182 -3.62 -13.57 -8.45
N SER A 183 -3.50 -12.88 -7.32
CA SER A 183 -3.94 -13.39 -6.03
C SER A 183 -4.86 -12.39 -5.33
N THR A 184 -5.57 -12.89 -4.32
CA THR A 184 -6.69 -12.22 -3.68
C THR A 184 -6.61 -12.34 -2.17
N PHE A 185 -6.66 -11.19 -1.49
CA PHE A 185 -6.78 -11.11 -0.03
C PHE A 185 -8.08 -10.38 0.25
N GLU A 186 -9.10 -11.09 0.73
CA GLU A 186 -10.43 -10.51 0.85
C GLU A 186 -11.02 -10.77 2.23
N ASN A 187 -11.58 -9.70 2.83
CA ASN A 187 -12.31 -9.78 4.09
CA ASN A 187 -12.31 -9.76 4.10
C ASN A 187 -11.47 -10.40 5.20
N ASN A 188 -10.20 -10.01 5.28
CA ASN A 188 -9.30 -10.45 6.33
C ASN A 188 -9.12 -9.37 7.38
N VAL A 189 -8.70 -9.79 8.57
CA VAL A 189 -8.35 -8.86 9.65
C VAL A 189 -6.96 -9.22 10.13
N SER A 190 -6.07 -8.23 10.21
CA SER A 190 -4.72 -8.40 10.75
C SER A 190 -4.53 -7.37 11.84
N HIS A 191 -4.42 -7.80 13.09
CA HIS A 191 -4.43 -6.84 14.18
C HIS A 191 -3.44 -7.22 15.27
N ASP A 192 -2.89 -6.19 15.92
CA ASP A 192 -1.99 -6.32 17.07
C ASP A 192 -0.79 -7.19 16.76
N ASN A 193 -0.27 -7.08 15.54
CA ASN A 193 0.97 -7.76 15.22
C ASN A 193 2.14 -6.85 15.54
N GLY A 194 3.32 -7.46 15.64
CA GLY A 194 4.51 -6.71 16.03
C GLY A 194 4.91 -5.66 15.02
N ARG A 195 4.83 -5.99 13.72
CA ARG A 195 5.14 -4.93 12.76
C ARG A 195 3.98 -4.55 11.82
N HIS A 196 3.74 -5.28 10.74
CA HIS A 196 2.76 -4.83 9.75
C HIS A 196 1.50 -5.68 9.83
N GLY A 197 0.36 -5.05 9.54
CA GLY A 197 -0.86 -5.81 9.28
C GLY A 197 -0.72 -6.64 8.02
N PHE A 198 -0.49 -5.96 6.89
CA PHE A 198 -0.31 -6.60 5.59
C PHE A 198 0.93 -6.01 4.93
N ASN A 199 1.72 -6.87 4.30
CA ASN A 199 2.97 -6.46 3.67
C ASN A 199 3.06 -7.19 2.34
N ILE A 200 2.84 -6.47 1.24
CA ILE A 200 2.91 -7.01 -0.11
C ILE A 200 4.25 -6.60 -0.71
N VAL A 201 5.08 -7.57 -1.10
CA VAL A 201 6.50 -7.30 -1.34
C VAL A 201 7.05 -8.29 -2.36
N THR A 202 8.30 -8.06 -2.80
CA THR A 202 9.05 -9.00 -3.62
C THR A 202 8.33 -9.29 -4.93
N SER A 203 8.09 -8.23 -5.70
CA SER A 203 7.64 -8.31 -7.10
C SER A 203 6.21 -8.81 -7.26
N SER A 204 5.42 -8.87 -6.18
CA SER A 204 4.03 -9.31 -6.28
C SER A 204 3.27 -8.47 -7.30
N HIS A 205 2.35 -9.09 -8.05
CA HIS A 205 1.64 -8.29 -9.04
C HIS A 205 0.28 -8.88 -9.34
N ASP A 206 -0.63 -8.01 -9.78
CA ASP A 206 -2.04 -8.35 -10.01
C ASP A 206 -2.66 -8.92 -8.74
N ILE A 207 -2.65 -8.09 -7.70
CA ILE A 207 -3.13 -8.43 -6.38
C ILE A 207 -4.37 -7.60 -6.09
N LEU A 208 -5.40 -8.24 -5.57
CA LEU A 208 -6.59 -7.55 -5.10
C LEU A 208 -6.63 -7.66 -3.58
N LEU A 209 -6.68 -6.51 -2.90
CA LEU A 209 -6.80 -6.44 -1.44
C LEU A 209 -8.14 -5.78 -1.12
N ARG A 210 -9.18 -6.59 -0.96
CA ARG A 210 -10.56 -6.12 -0.87
C ARG A 210 -11.12 -6.31 0.54
N ASP A 211 -11.59 -5.21 1.13
CA ASP A 211 -12.32 -5.24 2.41
C ASP A 211 -11.48 -5.85 3.54
N ASN A 212 -10.18 -5.56 3.54
CA ASN A 212 -9.31 -6.00 4.63
C ASN A 212 -9.25 -4.92 5.71
N VAL A 213 -9.00 -5.36 6.94
CA VAL A 213 -8.93 -4.50 8.12
C VAL A 213 -7.61 -4.75 8.82
N ALA A 214 -6.90 -3.67 9.14
CA ALA A 214 -5.65 -3.76 9.88
C ALA A 214 -5.65 -2.71 10.97
N TYR A 215 -5.42 -3.13 12.21
CA TYR A 215 -5.41 -2.21 13.33
C TYR A 215 -4.51 -2.72 14.43
N GLY A 216 -4.01 -1.79 15.24
CA GLY A 216 -3.21 -2.14 16.41
C GLY A 216 -1.85 -2.72 16.10
N ASN A 217 -1.41 -2.70 14.84
CA ASN A 217 -0.11 -3.23 14.48
C ASN A 217 0.98 -2.23 14.82
N GLY A 218 2.19 -2.74 15.10
CA GLY A 218 3.30 -1.89 15.54
C GLY A 218 3.82 -0.95 14.47
N ALA A 219 3.48 -1.19 13.22
CA ALA A 219 4.04 -0.47 12.07
C ALA A 219 2.88 -0.23 11.12
N ASN A 220 3.05 -0.41 9.81
CA ASN A 220 1.97 -0.06 8.89
C ASN A 220 0.74 -0.97 9.00
N GLY A 221 -0.43 -0.39 8.74
CA GLY A 221 -1.60 -1.24 8.52
C GLY A 221 -1.43 -2.10 7.28
N LEU A 222 -1.04 -1.46 6.18
CA LEU A 222 -0.71 -2.14 4.93
C LEU A 222 0.49 -1.43 4.35
N VAL A 223 1.48 -2.19 3.91
CA VAL A 223 2.59 -1.65 3.13
C VAL A 223 2.73 -2.45 1.84
N VAL A 224 2.84 -1.74 0.73
CA VAL A 224 3.15 -2.30 -0.58
C VAL A 224 4.51 -1.74 -0.98
N GLN A 225 5.47 -2.61 -1.28
CA GLN A 225 6.84 -2.13 -1.39
C GLN A 225 7.68 -3.09 -2.22
N ARG A 226 8.79 -2.55 -2.73
CA ARG A 226 9.74 -3.38 -3.45
C ARG A 226 10.41 -4.38 -2.52
N GLY A 227 10.77 -3.96 -1.32
CA GLY A 227 11.62 -4.75 -0.45
C GLY A 227 13.06 -4.26 -0.51
N SER A 228 13.92 -4.99 0.19
CA SER A 228 15.29 -4.52 0.36
C SER A 228 16.22 -4.95 -0.77
N GLU A 229 15.75 -5.68 -1.78
CA GLU A 229 16.67 -6.13 -2.81
C GLU A 229 16.39 -5.43 -4.14
N ASP A 230 17.39 -5.46 -5.00
CA ASP A 230 17.32 -4.84 -6.32
C ASP A 230 16.61 -5.78 -7.30
N ILE A 231 15.27 -5.84 -7.20
CA ILE A 231 14.45 -6.74 -8.01
C ILE A 231 13.27 -5.94 -8.58
N ALA A 232 12.52 -6.58 -9.49
CA ALA A 232 11.38 -5.92 -10.12
C ALA A 232 10.38 -5.43 -9.06
N HIS A 233 9.89 -4.21 -9.25
CA HIS A 233 8.89 -3.63 -8.34
C HIS A 233 7.56 -4.37 -8.45
N PRO A 234 6.76 -4.37 -7.38
CA PRO A 234 5.37 -4.84 -7.51
C PRO A 234 4.58 -3.91 -8.43
N TYR A 235 3.52 -4.45 -9.03
CA TYR A 235 2.68 -3.64 -9.89
C TYR A 235 1.26 -4.22 -9.95
N ASN A 236 0.31 -3.39 -10.38
CA ASN A 236 -1.10 -3.78 -10.45
C ASN A 236 -1.59 -4.24 -9.07
N ILE A 237 -1.58 -3.32 -8.11
CA ILE A 237 -2.01 -3.60 -6.75
C ILE A 237 -3.26 -2.79 -6.49
N GLN A 238 -4.40 -3.46 -6.31
CA GLN A 238 -5.68 -2.78 -6.17
C GLN A 238 -6.19 -3.00 -4.75
N ILE A 239 -6.26 -1.94 -3.96
CA ILE A 239 -6.76 -1.97 -2.59
C ILE A 239 -8.11 -1.27 -2.59
N GLU A 240 -9.16 -2.00 -2.17
CA GLU A 240 -10.53 -1.51 -2.21
C GLU A 240 -11.19 -1.75 -0.86
N GLY A 241 -11.87 -0.73 -0.34
CA GLY A 241 -12.63 -0.92 0.87
C GLY A 241 -11.74 -1.23 2.08
N GLY A 242 -12.39 -1.67 3.14
CA GLY A 242 -11.69 -2.02 4.36
C GLY A 242 -11.36 -0.82 5.21
N ALA A 243 -10.52 -1.05 6.21
CA ALA A 243 -10.18 -0.01 7.17
C ALA A 243 -8.77 -0.26 7.70
N TYR A 244 -7.97 0.80 7.76
CA TYR A 244 -6.57 0.73 8.18
C TYR A 244 -6.42 1.77 9.28
N HIS A 245 -6.44 1.32 10.55
CA HIS A 245 -6.62 2.28 11.63
C HIS A 245 -5.81 1.92 12.85
N ASP A 246 -5.39 2.95 13.59
CA ASP A 246 -4.75 2.79 14.89
C ASP A 246 -3.50 1.93 14.81
N ASN A 247 -2.70 2.14 13.76
CA ASN A 247 -1.43 1.45 13.65
C ASN A 247 -0.29 2.37 14.06
N GLY A 248 0.87 1.76 14.32
CA GLY A 248 2.03 2.45 14.88
C GLY A 248 2.78 3.34 13.92
N ALA A 249 2.43 3.31 12.64
CA ALA A 249 3.11 4.03 11.56
C ALA A 249 2.02 4.48 10.60
N GLU A 250 2.33 4.59 9.32
CA GLU A 250 1.30 4.98 8.37
C GLU A 250 0.19 3.94 8.29
N GLY A 251 -1.04 4.41 8.02
CA GLY A 251 -2.14 3.50 7.77
C GLY A 251 -1.91 2.64 6.55
N VAL A 252 -1.66 3.28 5.40
CA VAL A 252 -1.31 2.59 4.15
C VAL A 252 -0.07 3.26 3.59
N LEU A 253 0.98 2.49 3.34
CA LEU A 253 2.21 2.97 2.75
C LEU A 253 2.45 2.21 1.45
N ILE A 254 2.66 2.94 0.36
CA ILE A 254 2.91 2.35 -0.94
C ILE A 254 4.19 2.97 -1.51
N MLY A 255 5.17 2.15 -1.88
CA MLY A 255 6.45 2.69 -2.33
CB MLY A 255 7.36 2.95 -1.13
CG MLY A 255 7.73 1.72 -0.31
CD MLY A 255 8.58 2.12 0.91
CE MLY A 255 8.93 0.91 1.81
NZ MLY A 255 9.77 1.33 2.98
CH1 MLY A 255 9.83 0.18 3.89
CH2 MLY A 255 11.15 1.59 2.52
C MLY A 255 7.13 1.78 -3.34
O MLY A 255 6.96 0.55 -3.29
N MET A 256 7.82 2.41 -4.30
CA MET A 256 8.48 1.68 -5.39
C MET A 256 7.57 0.59 -5.96
N THR A 257 6.41 1.04 -6.45
CA THR A 257 5.32 0.22 -6.96
C THR A 257 4.78 0.92 -8.19
N SER A 258 4.29 0.16 -9.17
CA SER A 258 3.67 0.70 -10.38
C SER A 258 2.19 0.34 -10.41
N ASN A 259 1.35 1.28 -10.84
CA ASN A 259 -0.11 1.08 -10.99
C ASN A 259 -0.76 0.54 -9.70
N ALA A 260 -0.67 1.34 -8.64
CA ALA A 260 -1.33 1.05 -7.38
C ALA A 260 -2.62 1.87 -7.30
N SER A 261 -3.60 1.32 -6.60
CA SER A 261 -4.88 1.99 -6.43
CA SER A 261 -4.86 2.03 -6.41
C SER A 261 -5.38 1.75 -5.01
N LEU A 262 -5.87 2.81 -4.36
CA LEU A 262 -6.44 2.73 -3.02
C LEU A 262 -7.76 3.47 -3.06
N GLN A 263 -8.89 2.74 -2.93
CA GLN A 263 -10.21 3.31 -3.11
CA GLN A 263 -10.21 3.31 -3.11
C GLN A 263 -11.17 2.86 -2.01
N GLY A 264 -11.95 3.81 -1.49
CA GLY A 264 -13.05 3.53 -0.59
C GLY A 264 -12.69 2.99 0.78
N ALA A 265 -11.48 3.22 1.27
CA ALA A 265 -11.08 2.74 2.58
C ALA A 265 -11.29 3.81 3.65
N GLU A 266 -11.47 3.37 4.89
CA GLU A 266 -11.47 4.25 6.05
CA GLU A 266 -11.45 4.27 6.03
C GLU A 266 -10.09 4.17 6.71
N ILE A 267 -9.45 5.32 6.91
CA ILE A 267 -8.07 5.35 7.37
C ILE A 267 -7.96 6.39 8.47
N TYR A 268 -7.71 5.93 9.71
CA TYR A 268 -7.86 6.84 10.85
C TYR A 268 -7.05 6.36 12.05
N GLY A 269 -6.70 7.30 12.90
CA GLY A 269 -6.05 6.98 14.17
C GLY A 269 -4.64 6.45 14.07
N ASN A 270 -4.01 6.51 12.89
CA ASN A 270 -2.65 6.01 12.77
C ASN A 270 -1.66 7.03 13.32
N ASP A 271 -0.50 6.54 13.77
CA ASP A 271 0.50 7.43 14.39
C ASP A 271 1.22 8.32 13.37
N ALA A 272 1.33 7.88 12.13
CA ALA A 272 1.94 8.67 11.06
C ALA A 272 0.85 9.01 10.04
N ALA A 273 1.25 9.46 8.85
CA ALA A 273 0.27 9.83 7.84
C ALA A 273 -0.74 8.70 7.64
N GLY A 274 -1.98 9.06 7.31
CA GLY A 274 -2.93 8.05 6.91
C GLY A 274 -2.50 7.29 5.66
N VAL A 275 -2.08 8.04 4.64
CA VAL A 275 -1.64 7.45 3.37
C VAL A 275 -0.31 8.09 2.99
N ARG A 276 0.67 7.26 2.67
CA ARG A 276 1.97 7.73 2.25
C ARG A 276 2.36 6.98 0.98
N VAL A 277 2.77 7.73 -0.03
CA VAL A 277 3.06 7.24 -1.39
C VAL A 277 4.46 7.74 -1.73
N ARG A 278 5.40 6.82 -1.94
CA ARG A 278 6.79 7.18 -2.15
C ARG A 278 7.30 6.53 -3.42
N GLY A 279 7.60 7.33 -4.43
CA GLY A 279 8.13 6.84 -5.68
C GLY A 279 7.22 5.81 -6.34
N VAL A 280 5.96 6.17 -6.58
CA VAL A 280 4.98 5.27 -7.16
C VAL A 280 4.61 5.78 -8.54
N ASP A 281 4.74 4.91 -9.56
CA ASP A 281 4.43 5.27 -10.94
C ASP A 281 3.03 4.75 -11.29
N GLY A 282 2.05 5.65 -11.22
CA GLY A 282 0.67 5.29 -11.42
C GLY A 282 0.04 5.05 -10.06
N MET A 283 -0.69 6.04 -9.56
CA MET A 283 -1.29 5.99 -8.23
C MET A 283 -2.70 6.55 -8.33
N GLN A 284 -3.69 5.75 -7.96
CA GLN A 284 -5.05 6.25 -7.85
C GLN A 284 -5.47 6.23 -6.39
N LEU A 285 -5.89 7.38 -5.87
CA LEU A 285 -6.30 7.52 -4.47
C LEU A 285 -7.69 8.15 -4.52
N LEU A 286 -8.72 7.30 -4.42
CA LEU A 286 -10.08 7.72 -4.77
C LEU A 286 -11.04 7.39 -3.65
N ASP A 287 -11.87 8.37 -3.25
CA ASP A 287 -13.08 8.10 -2.45
C ASP A 287 -12.77 7.45 -1.11
N ASN A 288 -11.69 7.87 -0.47
CA ASN A 288 -11.32 7.35 0.85
C ASN A 288 -11.80 8.30 1.92
N ASP A 289 -11.80 7.81 3.15
CA ASP A 289 -12.24 8.57 4.32
C ASP A 289 -11.06 8.58 5.29
N ILE A 290 -10.35 9.72 5.35
CA ILE A 290 -9.03 9.80 5.97
C ILE A 290 -9.08 10.90 7.03
N HIS A 291 -8.82 10.54 8.30
CA HIS A 291 -8.97 11.51 9.37
C HIS A 291 -8.21 11.05 10.60
N ASP A 292 -7.81 12.02 11.43
CA ASP A 292 -7.25 11.74 12.76
C ASP A 292 -5.99 10.87 12.70
N ASN A 293 -5.17 11.08 11.69
CA ASN A 293 -3.89 10.39 11.60
C ASN A 293 -2.80 11.31 12.12
N ALA A 294 -1.55 10.95 11.91
CA ALA A 294 -0.41 11.68 12.48
C ALA A 294 -0.58 11.87 14.00
N GLN A 295 -1.10 10.83 14.67
CA GLN A 295 -1.29 10.91 16.12
C GLN A 295 0.05 11.06 16.84
N GLY A 296 1.11 10.49 16.29
CA GLY A 296 2.44 10.54 16.87
C GLY A 296 3.21 11.79 16.53
N GLY A 297 2.57 12.73 15.86
CA GLY A 297 3.24 13.88 15.30
C GLY A 297 3.27 13.81 13.78
N GLY A 298 3.47 14.96 13.18
CA GLY A 298 3.47 15.01 11.73
C GLY A 298 2.37 15.93 11.27
N LYS A 299 2.52 16.50 10.08
CA LYS A 299 1.65 17.57 9.66
C LYS A 299 0.67 17.17 8.56
N ALA A 300 0.66 15.90 8.13
CA ALA A 300 -0.06 15.58 6.91
C ALA A 300 -0.86 14.31 7.06
N GLU A 301 -2.11 14.34 6.60
CA GLU A 301 -2.92 13.14 6.46
C GLU A 301 -2.52 12.31 5.24
N ILE A 302 -2.11 12.95 4.15
CA ILE A 302 -1.69 12.26 2.92
C ILE A 302 -0.35 12.85 2.50
N VAL A 303 0.60 11.98 2.19
CA VAL A 303 1.92 12.39 1.72
C VAL A 303 2.19 11.69 0.39
N LEU A 304 2.33 12.46 -0.67
CA LEU A 304 2.90 11.97 -1.94
C LEU A 304 4.30 12.55 -2.05
N GLU A 305 5.26 11.70 -2.39
CA GLU A 305 6.65 12.11 -2.44
C GLU A 305 7.40 11.13 -3.33
N ASP A 306 8.65 11.47 -3.65
CA ASP A 306 9.51 10.57 -4.41
C ASP A 306 10.15 9.54 -3.47
N TYR A 307 10.88 8.58 -4.05
CA TYR A 307 11.75 7.69 -3.28
C TYR A 307 13.15 7.69 -3.88
N ASP A 308 14.10 8.29 -3.19
CA ASP A 308 15.48 8.41 -3.68
C ASP A 308 16.26 7.17 -3.25
N ASP A 309 16.44 6.20 -4.14
CA ASP A 309 17.24 5.01 -3.83
C ASP A 309 18.65 5.10 -4.42
N ARG A 310 19.14 6.30 -4.68
CA ARG A 310 20.44 6.43 -5.34
C ARG A 310 21.56 5.91 -4.47
N ASP A 311 21.46 6.06 -3.16
CA ASP A 311 22.46 5.52 -2.25
C ASP A 311 22.12 4.10 -1.79
N GLY A 312 21.04 3.51 -2.32
CA GLY A 312 20.58 2.18 -1.93
C GLY A 312 20.98 1.11 -2.94
N VAL A 313 20.25 -0.01 -2.90
CA VAL A 313 20.68 -1.16 -3.71
C VAL A 313 20.50 -0.91 -5.21
N SER A 314 19.49 -0.12 -5.62
CA SER A 314 19.28 0.02 -7.06
C SER A 314 20.08 1.15 -7.69
N GLY A 315 20.44 2.20 -6.94
CA GLY A 315 21.08 3.36 -7.56
C GLY A 315 20.13 4.29 -8.30
N ASN A 316 18.82 4.11 -8.16
CA ASN A 316 17.83 4.84 -8.93
C ASN A 316 17.10 5.86 -8.06
N TYR A 317 16.67 6.95 -8.68
CA TYR A 317 15.73 7.89 -8.10
C TYR A 317 14.36 7.58 -8.69
N TYR A 318 13.34 7.37 -7.85
CA TYR A 318 12.01 7.03 -8.34
C TYR A 318 11.05 8.18 -8.06
N GLU A 319 10.48 8.75 -9.11
CA GLU A 319 9.47 9.78 -8.95
C GLU A 319 8.08 9.15 -8.77
N THR A 320 7.25 9.80 -7.96
CA THR A 320 5.82 9.56 -8.08
C THR A 320 5.32 10.21 -9.35
N LEU A 321 4.55 9.47 -10.13
CA LEU A 321 4.10 9.87 -11.45
C LEU A 321 2.67 9.40 -11.65
N ASN A 322 1.97 10.03 -12.60
CA ASN A 322 0.67 9.53 -13.05
C ASN A 322 -0.29 9.31 -11.88
N ALA A 323 -0.47 10.37 -11.09
CA ALA A 323 -1.30 10.34 -9.90
C ALA A 323 -2.69 10.90 -10.20
N THR A 324 -3.70 10.23 -9.65
CA THR A 324 -5.09 10.66 -9.70
C THR A 324 -5.61 10.62 -8.28
N VAL A 325 -5.90 11.78 -7.70
CA VAL A 325 -6.31 11.87 -6.30
C VAL A 325 -7.63 12.62 -6.28
N GLN A 326 -8.73 11.89 -6.06
CA GLN A 326 -10.05 12.51 -6.27
C GLN A 326 -11.06 11.94 -5.27
N GLY A 327 -12.01 12.78 -4.86
CA GLY A 327 -13.17 12.33 -4.11
C GLY A 327 -12.90 11.93 -2.67
N ASN A 328 -11.69 12.14 -2.15
CA ASN A 328 -11.40 11.77 -0.78
C ASN A 328 -11.95 12.78 0.21
N ARG A 329 -12.36 12.28 1.37
CA ARG A 329 -12.65 13.12 2.52
C ARG A 329 -11.45 13.05 3.45
N VAL A 330 -10.82 14.19 3.72
CA VAL A 330 -9.53 14.25 4.38
C VAL A 330 -9.58 15.37 5.41
N ALA A 331 -9.61 15.01 6.69
CA ALA A 331 -9.67 16.03 7.75
C ALA A 331 -8.26 16.39 8.18
N GLY A 332 -7.58 17.12 7.31
CA GLY A 332 -6.20 17.51 7.54
C GLY A 332 -5.50 17.74 6.21
N ALA A 333 -4.20 18.02 6.31
CA ALA A 333 -3.45 18.47 5.15
C ALA A 333 -3.08 17.32 4.22
N ALA A 334 -3.22 17.57 2.92
CA ALA A 334 -2.75 16.65 1.89
C ALA A 334 -1.57 17.27 1.15
N GLN A 335 -0.47 16.53 1.05
CA GLN A 335 0.69 16.96 0.28
C GLN A 335 0.65 16.16 -1.04
N LEU A 336 0.17 16.81 -2.10
CA LEU A 336 -0.06 16.14 -3.39
C LEU A 336 0.99 16.67 -4.37
N LEU A 337 2.10 15.95 -4.48
CA LEU A 337 3.22 16.30 -5.35
C LEU A 337 3.42 15.21 -6.39
N SER A 338 3.58 15.59 -7.65
CA SER A 338 3.88 14.62 -8.69
C SER A 338 4.83 15.25 -9.71
N SER A 339 5.04 14.57 -10.82
CA SER A 339 6.09 14.95 -11.76
C SER A 339 5.65 14.67 -13.20
N GLU A 340 6.60 14.41 -14.11
CA GLU A 340 6.31 14.38 -15.55
C GLU A 340 5.07 13.57 -15.86
N GLY A 341 4.20 14.13 -16.71
CA GLY A 341 2.95 13.50 -17.11
C GLY A 341 1.76 14.19 -16.48
N ARG A 342 0.58 13.72 -16.86
CA ARG A 342 -0.67 14.38 -16.47
C ARG A 342 -1.11 13.88 -15.11
N ASP A 343 -1.24 14.79 -14.15
CA ASP A 343 -1.76 14.49 -12.82
C ASP A 343 -3.06 15.22 -12.57
N LEU A 344 -4.01 14.53 -11.91
CA LEU A 344 -5.27 15.11 -11.45
C LEU A 344 -5.23 15.09 -9.93
N LEU A 345 -5.06 16.26 -9.32
CA LEU A 345 -4.80 16.36 -7.88
C LEU A 345 -5.87 17.23 -7.24
N ASP A 346 -6.74 16.61 -6.43
CA ASP A 346 -7.81 17.31 -5.72
C ASP A 346 -7.50 17.26 -4.22
N GLY A 347 -7.36 18.42 -3.60
CA GLY A 347 -7.30 18.49 -2.16
C GLY A 347 -8.68 18.31 -1.54
N ALA A 348 -8.74 18.47 -0.22
CA ALA A 348 -9.96 18.23 0.55
C ALA A 348 -10.07 19.38 1.56
N ALA A 349 -10.79 19.13 2.67
CA ALA A 349 -11.11 20.20 3.62
C ALA A 349 -9.89 20.82 4.28
N GLY A 350 -8.70 20.19 4.20
CA GLY A 350 -7.52 20.71 4.86
C GLY A 350 -6.79 21.78 4.04
N ASN A 351 -5.71 22.29 4.63
CA ASN A 351 -4.86 23.28 3.97
C ASN A 351 -3.80 22.48 3.22
N ASP A 352 -3.98 22.33 1.92
CA ASP A 352 -3.21 21.38 1.14
C ASP A 352 -2.12 22.05 0.32
N LEU A 353 -1.13 21.25 -0.07
CA LEU A 353 -0.06 21.68 -0.97
C LEU A 353 -0.18 20.86 -2.25
N LEU A 354 -0.31 21.54 -3.39
CA LEU A 354 -0.51 20.86 -4.67
C LEU A 354 0.56 21.29 -5.67
N ASP A 355 1.22 20.32 -6.27
CA ASP A 355 2.21 20.61 -7.31
C ASP A 355 2.25 19.42 -8.24
N GLY A 356 1.72 19.58 -9.44
CA GLY A 356 1.80 18.46 -10.37
C GLY A 356 3.10 18.34 -11.13
N GLY A 357 4.06 19.25 -10.94
CA GLY A 357 5.35 19.11 -11.62
C GLY A 357 5.22 19.25 -13.14
N ALA A 358 6.13 18.62 -13.87
CA ALA A 358 6.09 18.69 -15.33
C ALA A 358 4.79 18.09 -15.87
N GLY A 359 4.46 18.47 -17.10
CA GLY A 359 3.26 17.97 -17.75
C GLY A 359 2.04 18.79 -17.37
N ARG A 360 0.92 18.46 -18.02
CA ARG A 360 -0.31 19.24 -17.88
C ARG A 360 -1.15 18.65 -16.76
N ASP A 361 -1.26 19.39 -15.66
CA ASP A 361 -1.95 18.93 -14.48
C ASP A 361 -3.22 19.74 -14.26
N THR A 362 -4.21 19.11 -13.64
CA THR A 362 -5.43 19.78 -13.22
C THR A 362 -5.50 19.70 -11.71
N LEU A 363 -5.55 20.87 -11.05
CA LEU A 363 -5.44 20.95 -9.60
C LEU A 363 -6.70 21.58 -9.00
N SER A 364 -7.13 21.05 -7.87
CA SER A 364 -8.17 21.72 -7.12
C SER A 364 -7.85 21.62 -5.63
N GLY A 365 -8.16 22.68 -4.89
CA GLY A 365 -7.83 22.67 -3.48
C GLY A 365 -8.94 22.19 -2.56
N GLY A 366 -10.19 22.36 -2.98
CA GLY A 366 -11.26 22.10 -2.04
C GLY A 366 -11.35 23.20 -0.98
N GLY A 367 -11.99 22.85 0.15
CA GLY A 367 -12.12 23.76 1.25
C GLY A 367 -10.77 24.06 1.88
N GLY A 368 -10.75 25.06 2.76
CA GLY A 368 -9.52 25.46 3.41
C GLY A 368 -8.63 26.31 2.51
N ALA A 369 -7.44 26.62 3.03
CA ALA A 369 -6.50 27.52 2.38
C ALA A 369 -5.37 26.69 1.77
N ASP A 370 -5.34 26.62 0.45
CA ASP A 370 -4.44 25.71 -0.26
C ASP A 370 -3.37 26.46 -1.03
N THR A 371 -2.20 25.83 -1.14
CA THR A 371 -1.08 26.39 -1.89
C THR A 371 -0.88 25.57 -3.15
N PHE A 372 -0.94 26.23 -4.31
CA PHE A 372 -0.67 25.61 -5.59
C PHE A 372 0.73 26.04 -6.01
N ARG A 373 1.67 25.12 -5.99
CA ARG A 373 3.07 25.45 -6.22
C ARG A 373 3.48 25.15 -7.66
N PHE A 374 4.22 26.07 -8.26
CA PHE A 374 4.79 25.90 -9.59
C PHE A 374 6.29 26.06 -9.43
N ALA A 375 7.01 24.94 -9.48
CA ALA A 375 8.41 24.92 -9.08
C ALA A 375 9.38 25.20 -10.22
N ASP A 376 8.94 25.11 -11.47
CA ASP A 376 9.77 25.31 -12.65
C ASP A 376 8.91 25.98 -13.71
N ARG A 377 9.50 26.94 -14.46
CA ARG A 377 8.76 27.61 -15.53
C ARG A 377 8.32 26.64 -16.62
N GLN A 378 9.02 25.51 -16.76
CA GLN A 378 8.68 24.50 -17.75
C GLN A 378 7.61 23.52 -17.27
N ASP A 379 7.04 23.71 -16.07
CA ASP A 379 6.01 22.80 -15.59
C ASP A 379 4.60 23.23 -16.02
N SER A 380 4.44 24.43 -16.58
CA SER A 380 3.13 24.91 -17.06
C SER A 380 3.42 25.98 -18.08
N PHE A 381 3.20 25.68 -19.37
CA PHE A 381 3.61 26.61 -20.41
C PHE A 381 2.84 26.40 -21.71
N ARG A 382 2.80 27.46 -22.51
CA ARG A 382 2.30 27.47 -23.88
C ARG A 382 3.51 27.53 -24.82
N ASN A 383 3.46 26.77 -25.91
CA ASN A 383 4.65 26.69 -26.76
C ASN A 383 4.60 27.73 -27.89
N TYR A 384 5.61 27.69 -28.78
CA TYR A 384 5.81 28.79 -29.73
C TYR A 384 4.66 28.92 -30.72
N GLU A 385 3.92 27.85 -30.96
CA GLU A 385 2.81 27.86 -31.89
C GLU A 385 1.48 28.06 -31.18
N GLY A 386 1.51 28.39 -29.89
CA GLY A 386 0.29 28.64 -29.15
C GLY A 386 -0.43 27.39 -28.68
N ASP A 387 0.22 26.23 -28.78
CA ASP A 387 -0.39 25.02 -28.26
C ASP A 387 -0.42 25.09 -26.73
N THR A 388 -1.57 24.74 -26.14
CA THR A 388 -1.78 24.83 -24.70
C THR A 388 -1.85 23.45 -24.05
N SER A 389 -1.42 22.41 -24.76
CA SER A 389 -1.46 21.07 -24.17
C SER A 389 -0.50 20.89 -23.00
N ARG A 390 0.31 21.89 -22.64
CA ARG A 390 1.14 21.77 -21.43
C ARG A 390 0.83 22.86 -20.41
N VAL A 391 -0.34 23.51 -20.50
CA VAL A 391 -0.74 24.53 -19.53
C VAL A 391 -1.58 23.88 -18.44
N ASP A 392 -1.12 23.99 -17.18
CA ASP A 392 -1.90 23.54 -16.03
C ASP A 392 -3.14 24.39 -15.82
N ASP A 393 -4.17 23.78 -15.22
CA ASP A 393 -5.33 24.56 -14.80
C ASP A 393 -5.66 24.30 -13.34
N ILE A 394 -6.08 25.38 -12.67
CA ILE A 394 -6.55 25.34 -11.29
C ILE A 394 -8.07 25.53 -11.32
N VAL A 395 -8.78 24.56 -10.73
CA VAL A 395 -10.22 24.47 -10.90
C VAL A 395 -10.95 25.48 -10.00
N ASP A 396 -10.47 25.69 -8.78
CA ASP A 396 -11.30 26.36 -7.78
C ASP A 396 -10.48 27.38 -6.99
N PHE A 397 -9.61 28.12 -7.65
CA PHE A 397 -8.79 29.07 -6.91
C PHE A 397 -9.67 30.11 -6.22
N THR A 398 -9.45 30.29 -4.93
CA THR A 398 -10.27 31.18 -4.10
C THR A 398 -9.43 32.35 -3.62
N PRO A 399 -9.56 33.53 -4.23
CA PRO A 399 -8.78 34.68 -3.78
C PRO A 399 -9.08 35.00 -2.32
N GLY A 400 -8.04 35.46 -1.63
CA GLY A 400 -8.12 35.70 -0.20
C GLY A 400 -7.94 34.49 0.68
N ALA A 401 -8.05 33.28 0.13
CA ALA A 401 -7.84 32.05 0.88
C ALA A 401 -6.70 31.21 0.32
N ASP A 402 -6.72 30.92 -0.97
CA ASP A 402 -5.66 30.11 -1.56
C ASP A 402 -4.44 30.96 -1.91
N LEU A 403 -3.37 30.27 -2.30
CA LEU A 403 -2.12 30.93 -2.64
C LEU A 403 -1.51 30.22 -3.84
N ILE A 404 -0.96 31.00 -4.78
CA ILE A 404 -0.14 30.48 -5.85
C ILE A 404 1.33 30.71 -5.50
N ASP A 405 2.07 29.62 -5.33
CA ASP A 405 3.47 29.71 -4.92
C ASP A 405 4.35 29.69 -6.16
N LEU A 406 4.83 30.87 -6.56
CA LEU A 406 5.77 31.00 -7.65
C LEU A 406 7.15 31.41 -7.13
N SER A 407 7.41 31.16 -5.84
CA SER A 407 8.57 31.75 -5.17
C SER A 407 9.90 31.31 -5.77
N GLY A 408 9.95 30.18 -6.46
CA GLY A 408 11.16 29.76 -7.12
C GLY A 408 11.30 30.16 -8.57
N LEU A 409 10.40 30.99 -9.11
CA LEU A 409 10.38 31.20 -10.56
C LEU A 409 11.07 32.49 -11.00
N GLY A 410 11.36 33.41 -10.09
CA GLY A 410 12.07 34.61 -10.45
C GLY A 410 11.26 35.68 -11.15
N TYR A 411 9.94 35.70 -10.97
CA TYR A 411 9.11 36.83 -11.39
C TYR A 411 8.99 37.84 -10.25
N SER A 412 8.87 39.12 -10.60
CA SER A 412 8.86 40.18 -9.60
C SER A 412 7.47 40.49 -9.06
N GLY A 413 6.43 40.34 -9.88
CA GLY A 413 5.09 40.71 -9.46
C GLY A 413 4.16 40.68 -10.65
N LEU A 414 2.93 41.15 -10.42
CA LEU A 414 1.98 41.33 -11.51
C LEU A 414 2.33 42.59 -12.30
N GLY A 415 2.06 42.54 -13.60
CA GLY A 415 2.39 43.66 -14.47
C GLY A 415 1.88 43.45 -15.87
N ASP A 416 2.60 43.94 -16.88
CA ASP A 416 2.15 43.81 -18.25
C ASP A 416 2.59 42.49 -18.89
N GLY A 417 3.23 41.60 -18.12
CA GLY A 417 3.67 40.32 -18.64
C GLY A 417 5.06 40.31 -19.24
N TYR A 418 5.76 41.44 -19.23
CA TYR A 418 7.12 41.52 -19.73
C TYR A 418 8.05 41.91 -18.59
N ASN A 419 9.35 41.81 -18.85
CA ASN A 419 10.39 42.25 -17.93
C ASN A 419 10.27 41.60 -16.56
N GLY A 420 9.92 40.31 -16.54
CA GLY A 420 9.83 39.58 -15.26
C GLY A 420 8.52 39.74 -14.52
N THR A 421 7.54 40.41 -15.10
CA THR A 421 6.20 40.44 -14.53
C THR A 421 5.31 39.41 -15.23
N LEU A 422 4.20 39.09 -14.58
CA LEU A 422 3.15 38.24 -15.15
C LEU A 422 1.89 39.06 -15.38
N ALA A 423 1.23 38.81 -16.50
CA ALA A 423 -0.02 39.50 -16.81
C ALA A 423 -1.20 38.67 -16.33
N LEU A 424 -2.14 39.32 -15.63
CA LEU A 424 -3.39 38.70 -15.20
C LEU A 424 -4.47 39.06 -16.22
N LEU A 425 -4.96 38.07 -16.95
CA LEU A 425 -5.80 38.28 -18.12
C LEU A 425 -7.02 37.40 -18.07
N LEU A 426 -8.10 37.86 -18.70
CA LEU A 426 -9.33 37.12 -18.87
C LEU A 426 -9.46 36.69 -20.32
N ASN A 427 -10.06 35.52 -20.56
CA ASN A 427 -10.29 35.07 -21.93
C ASN A 427 -11.52 35.78 -22.51
N GLU A 428 -11.82 35.50 -23.80
CA GLU A 428 -12.83 36.27 -24.53
C GLU A 428 -14.18 36.23 -23.83
N ASP A 429 -14.65 35.03 -23.48
CA ASP A 429 -16.01 34.86 -22.95
C ASP A 429 -16.06 34.92 -21.43
N GLY A 430 -14.98 35.30 -20.76
CA GLY A 430 -15.01 35.48 -19.33
C GLY A 430 -15.10 34.20 -18.52
N THR A 431 -14.70 33.06 -19.10
CA THR A 431 -14.79 31.80 -18.37
C THR A 431 -13.46 31.37 -17.74
N LYS A 432 -12.33 31.92 -18.20
CA LYS A 432 -11.03 31.54 -17.66
C LYS A 432 -10.17 32.78 -17.46
N THR A 433 -9.38 32.77 -16.39
CA THR A 433 -8.41 33.80 -16.09
C THR A 433 -7.02 33.22 -16.25
N TYR A 434 -6.07 34.00 -16.76
CA TYR A 434 -4.74 33.48 -17.02
C TYR A 434 -3.71 34.31 -16.27
N LEU A 435 -2.63 33.65 -15.87
CA LEU A 435 -1.39 34.33 -15.52
C LEU A 435 -0.42 34.01 -16.64
N MLY A 436 0.11 35.05 -17.29
CA MLY A 436 0.97 34.85 -18.46
CB MLY A 436 0.23 35.29 -19.74
CG MLY A 436 -0.98 34.46 -20.11
CD MLY A 436 -1.44 34.76 -21.51
CE MLY A 436 -2.79 34.10 -21.83
NZ MLY A 436 -3.30 34.49 -23.18
CH1 MLY A 436 -4.44 33.61 -23.48
CH2 MLY A 436 -2.23 34.16 -24.15
C MLY A 436 2.28 35.59 -18.37
O MLY A 436 2.27 36.80 -18.12
N ASP A 437 3.35 34.90 -18.78
CA ASP A 437 4.61 35.53 -19.10
C ASP A 437 4.60 35.78 -20.62
N ARG A 438 4.54 37.05 -21.02
CA ARG A 438 4.48 37.36 -22.44
C ARG A 438 5.83 37.24 -23.13
N GLN A 439 6.92 37.07 -22.36
CA GLN A 439 8.27 36.97 -22.91
C GLN A 439 8.57 35.50 -23.20
N ALA A 440 8.75 35.16 -24.47
CA ALA A 440 9.17 33.81 -24.81
C ALA A 440 10.60 33.53 -24.32
N ASP A 441 10.83 32.30 -23.88
CA ASP A 441 12.20 31.90 -23.56
C ASP A 441 12.89 31.47 -24.84
N ALA A 442 14.12 30.96 -24.72
CA ALA A 442 14.92 30.68 -25.92
C ALA A 442 14.29 29.56 -26.76
N GLN A 443 13.56 28.65 -26.14
CA GLN A 443 12.85 27.59 -26.85
C GLN A 443 11.48 28.03 -27.35
N GLY A 444 11.09 29.27 -27.07
CA GLY A 444 9.83 29.79 -27.56
C GLY A 444 8.64 29.57 -26.65
N ASN A 445 8.86 29.06 -25.43
CA ASN A 445 7.79 28.75 -24.50
C ASN A 445 7.46 29.94 -23.60
N HIS A 446 6.21 29.98 -23.15
CA HIS A 446 5.69 31.03 -22.25
C HIS A 446 5.12 30.38 -21.00
N PHE A 447 5.65 30.74 -19.84
CA PHE A 447 5.02 30.31 -18.59
C PHE A 447 3.56 30.76 -18.59
N GLU A 448 2.66 29.87 -18.19
CA GLU A 448 1.24 30.18 -18.22
C GLU A 448 0.51 29.30 -17.22
N ILE A 449 -0.46 29.88 -16.51
CA ILE A 449 -1.38 29.14 -15.67
C ILE A 449 -2.80 29.54 -16.05
N ALA A 450 -3.68 28.54 -16.21
CA ALA A 450 -5.10 28.81 -16.43
C ALA A 450 -5.85 28.59 -15.13
N LEU A 451 -6.79 29.49 -14.83
CA LEU A 451 -7.59 29.44 -13.62
C LEU A 451 -9.05 29.46 -14.07
N ASP A 452 -9.83 28.46 -13.65
CA ASP A 452 -11.26 28.48 -13.97
C ASP A 452 -11.93 29.67 -13.31
N GLY A 453 -12.83 30.30 -14.06
CA GLY A 453 -13.62 31.41 -13.56
C GLY A 453 -13.07 32.74 -13.99
N ASN A 454 -13.80 33.77 -13.61
CA ASN A 454 -13.43 35.16 -13.89
C ASN A 454 -12.86 35.72 -12.59
N LEU A 455 -11.53 35.79 -12.50
CA LEU A 455 -10.86 36.29 -11.30
C LEU A 455 -10.03 37.54 -11.56
N VAL A 456 -10.17 38.20 -12.72
CA VAL A 456 -9.29 39.33 -13.03
C VAL A 456 -9.47 40.49 -12.06
N ASP A 457 -10.62 40.57 -11.38
CA ASP A 457 -10.85 41.66 -10.44
C ASP A 457 -10.74 41.24 -8.98
N SER A 458 -10.89 39.95 -8.69
CA SER A 458 -10.80 39.49 -7.30
C SER A 458 -9.40 39.02 -6.92
N LEU A 459 -8.65 38.43 -7.84
CA LEU A 459 -7.30 37.97 -7.56
C LEU A 459 -6.34 39.15 -7.48
N SER A 460 -5.47 39.15 -6.46
CA SER A 460 -4.59 40.29 -6.22
C SER A 460 -3.19 39.80 -5.89
N ALA A 461 -2.30 40.76 -5.64
CA ALA A 461 -0.88 40.46 -5.44
C ALA A 461 -0.62 39.62 -4.19
N THR A 462 -1.48 39.72 -3.17
CA THR A 462 -1.32 38.91 -1.96
C THR A 462 -1.79 37.47 -2.14
N ASP A 463 -2.37 37.13 -3.29
CA ASP A 463 -2.72 35.75 -3.59
C ASP A 463 -1.59 34.98 -4.28
N ILE A 464 -0.46 35.63 -4.54
CA ILE A 464 0.66 35.01 -5.24
C ILE A 464 1.93 35.31 -4.47
N ALA A 465 2.73 34.27 -4.21
CA ALA A 465 4.05 34.43 -3.60
C ALA A 465 5.09 34.46 -4.72
N PHE A 466 5.75 35.62 -4.88
CA PHE A 466 6.70 35.78 -5.96
C PHE A 466 8.15 35.51 -5.55
N ASP A 467 8.43 35.39 -4.25
CA ASP A 467 9.78 35.08 -3.76
C ASP A 467 9.66 34.41 -2.39
N ALA A 468 10.80 34.00 -1.84
CA ALA A 468 10.77 33.22 -0.59
C ALA A 468 10.24 34.04 0.59
N THR A 469 10.51 35.35 0.62
CA THR A 469 9.99 36.21 1.68
C THR A 469 8.47 36.26 1.67
N GLN A 470 7.90 36.50 0.49
CA GLN A 470 6.45 36.48 0.36
C GLN A 470 5.88 35.12 0.72
N LEU A 471 6.55 34.04 0.33
CA LEU A 471 6.07 32.71 0.69
C LEU A 471 6.03 32.53 2.21
N GLU A 472 7.06 33.00 2.90
CA GLU A 472 7.05 32.91 4.36
C GLU A 472 5.89 33.69 4.96
N LEU A 473 5.63 34.89 4.44
CA LEU A 473 4.51 35.69 4.93
C LEU A 473 3.16 35.02 4.63
N LEU A 474 2.99 34.46 3.43
CA LEU A 474 1.67 34.11 2.92
C LEU A 474 1.37 32.61 2.86
N GLY A 475 2.36 31.74 3.07
CA GLY A 475 2.14 30.32 2.91
C GLY A 475 0.97 29.80 3.73
N THR A 476 0.10 29.00 3.13
CA THR A 476 -1.09 28.53 3.83
C THR A 476 -0.89 27.21 4.55
N THR A 477 0.21 26.50 4.30
CA THR A 477 0.35 25.13 4.79
C THR A 477 1.53 25.02 5.74
N ASP A 478 1.57 23.87 6.42
CA ASP A 478 2.68 23.44 7.25
C ASP A 478 3.70 22.58 6.49
N LEU A 479 3.69 22.60 5.16
CA LEU A 479 4.39 21.57 4.39
C LEU A 479 5.56 22.11 3.57
N GLN A 480 5.90 23.40 3.72
CA GLN A 480 7.01 23.98 2.95
C GLN A 480 8.13 24.53 3.84
C1 BEM B . 17.50 -28.43 0.41
C2 BEM B . 16.22 -28.15 1.23
O2 BEM B . 16.38 -28.12 2.62
C3 BEM B . 15.75 -26.73 0.78
O3 BEM B . 14.63 -26.34 1.51
C4 BEM B . 16.83 -25.64 1.02
O4 BEM B . 16.44 -24.46 0.41
C5 BEM B . 18.06 -26.17 0.26
O5 BEM B . 18.47 -27.45 0.72
C6 BEM B . 19.27 -25.27 0.61
O6B BEM B . 19.36 -24.28 -0.20
O6A BEM B . 19.97 -25.55 1.56
O1 BEM B . 18.10 -29.64 0.79
C1 BEM B . 16.06 -23.43 1.34
C2 BEM B . 16.45 -22.11 0.67
O2 BEM B . 15.88 -21.92 -0.59
C3 BEM B . 15.95 -20.94 1.59
O3 BEM B . 16.15 -19.69 0.97
C4 BEM B . 14.45 -21.04 1.95
O4 BEM B . 14.15 -20.19 3.01
C5 BEM B . 14.27 -22.47 2.51
O5 BEM B . 14.69 -23.46 1.60
C6 BEM B . 12.73 -22.70 2.73
O6B BEM B . 12.39 -22.48 3.95
O6A BEM B . 12.02 -23.06 1.81
C1 BEM B . 13.47 -19.00 2.58
C2 BEM B . 12.83 -18.46 3.85
O2 BEM B . 13.73 -18.36 4.92
C3 BEM B . 12.27 -17.03 3.56
O3 BEM B . 11.82 -16.47 4.75
C4 BEM B . 13.35 -16.10 2.96
O4 BEM B . 12.78 -14.87 2.62
C5 BEM B . 13.76 -16.84 1.67
O5 BEM B . 14.37 -18.08 2.01
C6 BEM B . 14.89 -16.05 0.94
O6B BEM B . 14.43 -15.37 -0.04
O6A BEM B . 16.04 -16.13 1.33
CA CA C . 6.00 -25.81 -3.19
CA CA D . 2.57 16.30 -13.84
CA CA E . 2.40 21.02 -14.48
CA CA F . -8.01 22.00 0.70
CA CA G . -9.16 26.05 -0.97
CA CA H . 9.79 -16.89 22.84
C ACT I . 8.77 4.05 5.00
O ACT I . 9.14 3.80 3.80
OXT ACT I . 8.46 5.17 5.55
CH3 ACT I . 8.68 2.89 5.92
#